data_4Y1Z
#
_entry.id   4Y1Z
#
_cell.length_a   43.036
_cell.length_b   58.268
_cell.length_c   111.100
_cell.angle_alpha   90.000
_cell.angle_beta   90.000
_cell.angle_gamma   90.000
#
_symmetry.space_group_name_H-M   'P 21 21 21'
#
loop_
_entity.id
_entity.type
_entity.pdbx_description
1 polymer Galectin-1
2 branched 'beta-D-galactopyranose-(1-4)-methyl 2-acetamido-2-deoxy-beta-D-glucopyranosiduronic acid'
3 water water
#
_entity_poly.entity_id   1
_entity_poly.type   'polypeptide(L)'
_entity_poly.pdbx_seq_one_letter_code
;MGSSHHHHHHSSGLVPRGSHMCGLVASNLNLKPGE(CSO)LRVRGEVAPDAKSFVLNLGKDSNNL(CSO)LHFNPRFNAH
GDANTIV(CSO)NSKDGGAWGTEQREAVFPFQPGSVAEV(CSO)ITFDQANLTVKLPDGYEFKFPNRLNLEAINYMAADG
DFKIK(CSO)VAFD
;
_entity_poly.pdbx_strand_id   A,B
#
# COMPACT_ATOMS: atom_id res chain seq x y z
N GLY A 23 -10.58 5.60 -2.78
CA GLY A 23 -9.17 5.75 -2.48
C GLY A 23 -8.50 4.45 -2.09
N LEU A 24 -7.18 4.50 -1.94
CA LEU A 24 -6.38 3.30 -1.66
C LEU A 24 -6.76 2.58 -0.36
N VAL A 25 -6.73 1.26 -0.42
CA VAL A 25 -6.94 0.43 0.76
C VAL A 25 -5.80 -0.58 0.91
N ALA A 26 -5.21 -0.64 2.10
CA ALA A 26 -4.11 -1.56 2.35
C ALA A 26 -4.43 -2.50 3.53
N SER A 27 -4.18 -3.79 3.34
CA SER A 27 -4.43 -4.77 4.38
C SER A 27 -3.15 -5.55 4.73
N ASN A 28 -3.19 -6.20 5.88
CA ASN A 28 -2.06 -6.99 6.39
C ASN A 28 -0.78 -6.17 6.56
N LEU A 29 -0.94 -4.94 7.01
CA LEU A 29 0.22 -4.08 7.27
C LEU A 29 1.06 -4.62 8.41
N ASN A 30 0.38 -5.16 9.42
CA ASN A 30 1.02 -5.71 10.61
C ASN A 30 1.94 -4.68 11.25
N LEU A 31 1.49 -3.44 11.32
CA LEU A 31 2.28 -2.38 11.92
C LEU A 31 2.26 -2.50 13.45
N LYS A 32 3.37 -2.95 14.01
CA LYS A 32 3.49 -3.15 15.45
C LYS A 32 3.76 -1.83 16.16
N PRO A 33 3.52 -1.78 17.48
CA PRO A 33 3.84 -0.58 18.27
C PRO A 33 5.29 -0.16 18.10
N GLY A 34 5.53 1.14 17.91
CA GLY A 34 6.87 1.65 17.75
C GLY A 34 7.25 1.80 16.28
N GLU A 35 6.67 0.97 15.43
CA GLU A 35 6.92 1.03 13.99
C GLU A 35 6.22 2.24 13.38
N LEU A 37 4.49 4.43 10.16
CA LEU A 37 3.79 4.36 8.88
C LEU A 37 3.83 5.71 8.17
N ARG A 38 4.52 5.77 7.04
CA ARG A 38 4.68 7.00 6.29
C ARG A 38 3.76 7.07 5.08
N VAL A 39 2.92 8.10 5.05
CA VAL A 39 2.03 8.32 3.91
C VAL A 39 2.27 9.69 3.30
N ARG A 40 2.62 9.72 2.02
CA ARG A 40 2.73 10.98 1.30
C ARG A 40 1.69 11.05 0.21
N GLY A 41 1.06 12.20 0.06
CA GLY A 41 0.01 12.35 -0.92
C GLY A 41 -0.15 13.76 -1.45
N GLU A 42 -1.02 13.90 -2.44
CA GLU A 42 -1.26 15.17 -3.11
C GLU A 42 -2.63 15.70 -2.76
N VAL A 43 -2.69 16.79 -2.02
CA VAL A 43 -3.97 17.40 -1.64
C VAL A 43 -4.49 18.23 -2.81
N ALA A 44 -5.72 17.94 -3.23
CA ALA A 44 -6.34 18.62 -4.36
C ALA A 44 -6.41 20.13 -4.14
N PRO A 45 -6.25 20.91 -5.23
CA PRO A 45 -6.33 22.37 -5.17
C PRO A 45 -7.67 22.87 -4.62
N ASP A 46 -8.73 22.12 -4.90
CA ASP A 46 -10.06 22.50 -4.44
C ASP A 46 -10.56 21.51 -3.38
N ALA A 47 -9.64 20.95 -2.63
CA ALA A 47 -9.95 19.95 -1.62
C ALA A 47 -10.98 20.45 -0.62
N LYS A 48 -11.91 19.57 -0.26
CA LYS A 48 -12.88 19.86 0.79
C LYS A 48 -12.49 19.13 2.06
N SER A 49 -12.03 17.89 1.89
CA SER A 49 -11.58 17.06 3.00
C SER A 49 -10.93 15.80 2.48
N PHE A 50 -10.14 15.15 3.34
CA PHE A 50 -9.68 13.79 3.05
C PHE A 50 -9.57 13.00 4.33
N VAL A 51 -9.42 11.68 4.19
CA VAL A 51 -9.47 10.79 5.35
C VAL A 51 -8.36 9.75 5.32
N LEU A 52 -7.72 9.55 6.48
CA LEU A 52 -6.84 8.42 6.69
C LEU A 52 -7.43 7.54 7.80
N ASN A 53 -7.88 6.35 7.43
CA ASN A 53 -8.43 5.39 8.39
C ASN A 53 -7.42 4.30 8.74
N LEU A 54 -7.16 4.13 10.02
CA LEU A 54 -6.22 3.11 10.48
C LEU A 54 -6.87 2.21 11.52
N GLY A 55 -6.63 0.90 11.42
CA GLY A 55 -7.14 -0.04 12.39
C GLY A 55 -7.11 -1.48 11.95
N LYS A 56 -8.17 -2.21 12.25
CA LYS A 56 -8.29 -3.63 11.90
C LYS A 56 -9.05 -3.80 10.59
N ASP A 57 -10.18 -3.12 10.47
CA ASP A 57 -10.95 -3.08 9.23
C ASP A 57 -11.82 -1.83 9.20
N SER A 58 -12.73 -1.76 8.24
CA SER A 58 -13.57 -0.57 8.07
C SER A 58 -14.49 -0.31 9.26
N ASN A 59 -14.74 -1.34 10.06
CA ASN A 59 -15.62 -1.21 11.22
C ASN A 59 -14.85 -0.99 12.51
N ASN A 60 -13.53 -1.18 12.46
CA ASN A 60 -12.70 -1.06 13.64
C ASN A 60 -11.47 -0.19 13.39
N LEU A 61 -11.62 1.10 13.68
CA LEU A 61 -10.57 2.08 13.42
C LEU A 61 -10.05 2.70 14.70
N LEU A 63 -7.84 4.95 14.59
CA LEU A 63 -7.68 6.35 14.22
C LEU A 63 -8.37 6.70 12.91
N HIS A 64 -9.35 7.59 13.00
CA HIS A 64 -9.98 8.20 11.84
C HIS A 64 -9.46 9.62 11.70
N PHE A 65 -8.52 9.81 10.79
CA PHE A 65 -7.87 11.12 10.61
C PHE A 65 -8.51 11.88 9.47
N ASN A 66 -9.17 13.00 9.79
CA ASN A 66 -10.01 13.69 8.83
C ASN A 66 -9.81 15.21 8.82
N PRO A 67 -8.79 15.69 8.10
CA PRO A 67 -8.63 17.14 7.89
C PRO A 67 -9.76 17.69 7.02
N ARG A 68 -10.47 18.68 7.54
CA ARG A 68 -11.61 19.26 6.81
C ARG A 68 -11.32 20.69 6.36
N PHE A 69 -11.22 20.87 5.04
CA PHE A 69 -10.99 22.19 4.47
C PHE A 69 -12.29 22.97 4.36
N ASN A 70 -13.30 22.30 3.80
CA ASN A 70 -14.62 22.88 3.64
C ASN A 70 -15.65 21.76 3.54
N ALA A 71 -15.93 21.13 4.67
CA ALA A 71 -16.80 19.97 4.69
C ALA A 71 -17.52 19.82 6.04
N HIS A 72 -18.75 19.31 5.98
CA HIS A 72 -19.58 19.07 7.16
C HIS A 72 -19.70 20.32 8.03
N GLY A 73 -19.76 21.49 7.39
CA GLY A 73 -19.90 22.74 8.10
C GLY A 73 -18.61 23.23 8.72
N ASP A 74 -17.55 22.43 8.63
CA ASP A 74 -16.27 22.79 9.21
C ASP A 74 -15.30 23.32 8.16
N ALA A 75 -14.29 24.05 8.63
CA ALA A 75 -13.29 24.60 7.72
C ALA A 75 -11.92 24.69 8.40
N ASN A 76 -10.92 24.16 7.69
CA ASN A 76 -9.55 24.09 8.20
C ASN A 76 -9.49 23.54 9.61
N THR A 77 -10.17 22.42 9.82
CA THR A 77 -10.20 21.75 11.11
C THR A 77 -9.71 20.31 10.98
N ILE A 78 -8.84 19.90 11.88
CA ILE A 78 -8.44 18.48 11.93
C ILE A 78 -9.39 17.72 12.83
N VAL A 79 -10.11 16.78 12.24
CA VAL A 79 -11.06 15.96 12.99
C VAL A 79 -10.54 14.56 13.18
N ASN A 81 -11.29 10.70 15.33
CA ASN A 81 -12.24 9.87 16.04
C ASN A 81 -11.84 8.41 15.92
N SER A 82 -12.53 7.57 16.66
CA SER A 82 -12.33 6.14 16.57
C SER A 82 -13.63 5.50 16.08
N LYS A 83 -13.54 4.27 15.60
CA LYS A 83 -14.73 3.51 15.28
C LYS A 83 -14.59 2.10 15.84
N ASP A 84 -15.44 1.78 16.82
CA ASP A 84 -15.34 0.51 17.51
C ASP A 84 -16.58 -0.34 17.24
N GLY A 85 -16.39 -1.41 16.47
CA GLY A 85 -17.49 -2.28 16.12
C GLY A 85 -18.58 -1.55 15.36
N GLY A 86 -18.17 -0.69 14.43
CA GLY A 86 -19.11 0.05 13.61
C GLY A 86 -19.58 1.35 14.21
N ALA A 87 -19.27 1.57 15.48
CA ALA A 87 -19.76 2.76 16.19
C ALA A 87 -18.69 3.84 16.32
N TRP A 88 -19.00 5.05 15.85
CA TRP A 88 -18.13 6.20 16.04
C TRP A 88 -17.92 6.47 17.52
N GLY A 89 -16.69 6.80 17.89
CA GLY A 89 -16.38 7.16 19.26
C GLY A 89 -16.62 8.63 19.51
N THR A 90 -15.99 9.17 20.54
CA THR A 90 -16.12 10.58 20.87
C THR A 90 -15.16 11.42 20.04
N GLU A 91 -15.71 12.28 19.18
CA GLU A 91 -14.92 13.07 18.24
C GLU A 91 -14.00 14.07 18.94
N GLN A 92 -12.82 14.30 18.36
CA GLN A 92 -11.87 15.28 18.85
C GLN A 92 -11.32 16.15 17.73
N ARG A 93 -10.88 17.36 18.07
CA ARG A 93 -10.35 18.27 17.07
C ARG A 93 -9.09 18.98 17.56
N GLU A 94 -8.15 19.20 16.63
CA GLU A 94 -6.97 20.00 16.88
C GLU A 94 -7.20 21.40 16.35
N ALA A 95 -6.52 22.39 16.94
CA ALA A 95 -6.70 23.78 16.57
C ALA A 95 -5.90 24.14 15.32
N VAL A 96 -4.70 23.59 15.21
CA VAL A 96 -3.83 23.91 14.07
C VAL A 96 -4.29 23.19 12.82
N PHE A 97 -3.70 23.58 11.68
CA PHE A 97 -4.06 22.99 10.40
C PHE A 97 -2.94 23.21 9.38
N PRO A 98 -1.87 22.40 9.45
CA PRO A 98 -0.72 22.55 8.57
C PRO A 98 -0.92 21.86 7.22
N PHE A 99 -2.11 22.00 6.64
CA PHE A 99 -2.36 21.47 5.29
C PHE A 99 -2.82 22.57 4.37
N GLN A 100 -2.36 22.57 3.13
CA GLN A 100 -2.69 23.65 2.24
C GLN A 100 -2.98 23.06 0.87
N PRO A 101 -4.24 23.20 0.46
CA PRO A 101 -4.79 22.59 -0.75
C PRO A 101 -3.95 22.91 -1.98
N GLY A 102 -3.74 21.89 -2.81
CA GLY A 102 -2.94 22.06 -4.00
C GLY A 102 -1.46 21.84 -3.74
N SER A 103 -1.13 21.13 -2.67
CA SER A 103 0.26 20.83 -2.36
C SER A 103 0.44 19.42 -1.80
N VAL A 104 1.69 18.98 -1.69
CA VAL A 104 2.02 17.67 -1.17
C VAL A 104 2.03 17.67 0.35
N ALA A 105 1.40 16.66 0.95
CA ALA A 105 1.36 16.53 2.40
C ALA A 105 1.84 15.16 2.84
N GLU A 106 2.65 15.12 3.89
CA GLU A 106 3.13 13.86 4.44
C GLU A 106 2.72 13.69 5.90
N VAL A 107 2.20 12.52 6.22
CA VAL A 107 1.79 12.22 7.60
C VAL A 107 2.49 10.95 8.08
N ILE A 109 2.49 8.17 11.20
CA ILE A 109 1.72 7.66 12.32
C ILE A 109 2.44 6.53 13.03
N THR A 110 2.40 6.55 14.36
CA THR A 110 2.84 5.43 15.17
C THR A 110 1.92 5.33 16.38
N PHE A 111 2.06 4.28 17.17
CA PHE A 111 1.19 4.10 18.32
C PHE A 111 1.82 3.23 19.41
N ASP A 112 1.47 3.51 20.65
CA ASP A 112 1.72 2.57 21.74
C ASP A 112 0.38 2.14 22.31
N GLN A 113 0.39 1.59 23.52
CA GLN A 113 -0.82 1.06 24.13
C GLN A 113 -1.73 2.19 24.63
N ALA A 114 -1.19 3.40 24.72
CA ALA A 114 -1.92 4.53 25.30
C ALA A 114 -2.42 5.51 24.25
N ASN A 115 -1.54 5.88 23.32
CA ASN A 115 -1.89 6.88 22.31
C ASN A 115 -1.39 6.53 20.92
N LEU A 116 -2.04 7.11 19.91
CA LEU A 116 -1.47 7.18 18.58
C LEU A 116 -0.78 8.52 18.45
N THR A 117 0.41 8.52 17.87
CA THR A 117 1.13 9.77 17.66
C THR A 117 1.16 10.11 16.17
N VAL A 118 0.60 11.26 15.82
CA VAL A 118 0.54 11.67 14.43
C VAL A 118 1.44 12.87 14.16
N LYS A 119 2.48 12.65 13.36
CA LYS A 119 3.39 13.72 12.97
C LYS A 119 2.94 14.35 11.66
N LEU A 120 2.72 15.66 11.70
CA LEU A 120 2.24 16.40 10.54
C LEU A 120 3.42 17.02 9.78
N PRO A 121 3.18 17.57 8.57
CA PRO A 121 4.31 18.14 7.80
C PRO A 121 5.08 19.25 8.50
N ASP A 122 4.45 20.38 8.79
CA ASP A 122 5.12 21.54 9.37
C ASP A 122 5.46 21.32 10.83
N GLY A 123 6.25 20.29 11.12
CA GLY A 123 6.77 20.05 12.46
C GLY A 123 5.76 19.62 13.52
N TYR A 124 4.48 19.78 13.23
CA TYR A 124 3.45 19.57 14.23
C TYR A 124 3.25 18.08 14.56
N GLU A 125 2.92 17.83 15.82
CA GLU A 125 2.68 16.47 16.30
C GLU A 125 1.63 16.52 17.42
N PHE A 126 0.75 15.53 17.44
CA PHE A 126 -0.28 15.44 18.46
C PHE A 126 -0.61 13.99 18.79
N LYS A 127 -1.28 13.79 19.90
CA LYS A 127 -1.62 12.44 20.34
C LYS A 127 -3.13 12.22 20.35
N PHE A 128 -3.53 11.05 19.85
CA PHE A 128 -4.92 10.61 19.94
C PHE A 128 -4.98 9.33 20.76
N PRO A 129 -5.84 9.30 21.79
CA PRO A 129 -5.90 8.17 22.72
C PRO A 129 -6.20 6.85 22.03
N ASN A 130 -5.40 5.83 22.33
CA ASN A 130 -5.63 4.49 21.80
C ASN A 130 -6.81 3.84 22.51
N ARG A 131 -7.93 3.73 21.81
CA ARG A 131 -9.17 3.28 22.43
C ARG A 131 -9.58 1.87 22.03
N LEU A 132 -8.82 1.25 21.13
CA LEU A 132 -9.25 -0.01 20.53
C LEU A 132 -8.48 -1.26 20.99
N ASN A 133 -7.36 -1.06 21.68
CA ASN A 133 -6.60 -2.17 22.26
C ASN A 133 -6.18 -3.23 21.23
N LEU A 134 -5.76 -2.78 20.06
CA LEU A 134 -5.24 -3.68 19.02
C LEU A 134 -3.75 -3.86 19.20
N GLU A 135 -3.23 -5.05 18.87
CA GLU A 135 -1.81 -5.29 19.02
C GLU A 135 -1.03 -4.87 17.77
N ALA A 136 -1.76 -4.47 16.73
CA ALA A 136 -1.15 -4.00 15.50
C ALA A 136 -2.15 -3.26 14.61
N ILE A 137 -1.65 -2.32 13.82
CA ILE A 137 -2.45 -1.72 12.76
C ILE A 137 -2.28 -2.55 11.50
N ASN A 138 -3.38 -3.13 11.02
CA ASN A 138 -3.34 -4.03 9.88
C ASN A 138 -4.04 -3.47 8.65
N TYR A 139 -4.69 -2.33 8.81
CA TYR A 139 -5.60 -1.81 7.80
C TYR A 139 -5.48 -0.31 7.64
N MET A 140 -5.37 0.13 6.39
CA MET A 140 -5.36 1.55 6.07
C MET A 140 -6.27 1.84 4.88
N ALA A 141 -7.07 2.90 5.01
CA ALA A 141 -7.92 3.34 3.91
C ALA A 141 -7.81 4.84 3.73
N ALA A 142 -7.54 5.26 2.50
CA ALA A 142 -7.54 6.68 2.17
C ALA A 142 -8.81 7.03 1.41
N ASP A 143 -9.32 8.24 1.61
CA ASP A 143 -10.49 8.70 0.89
C ASP A 143 -10.49 10.22 0.83
N GLY A 144 -11.31 10.77 -0.06
CA GLY A 144 -11.41 12.21 -0.20
C GLY A 144 -10.42 12.77 -1.19
N ASP A 145 -10.12 14.06 -1.04
CA ASP A 145 -9.30 14.79 -1.99
C ASP A 145 -7.81 14.63 -1.69
N PHE A 146 -7.34 13.40 -1.71
CA PHE A 146 -5.97 13.08 -1.34
C PHE A 146 -5.42 11.93 -2.18
N LYS A 147 -4.57 12.27 -3.14
CA LYS A 147 -3.99 11.24 -4.00
C LYS A 147 -2.67 10.73 -3.43
N ILE A 148 -2.69 9.51 -2.92
CA ILE A 148 -1.50 8.91 -2.30
C ILE A 148 -0.41 8.66 -3.33
N LYS A 149 0.79 9.12 -3.02
CA LYS A 149 1.93 8.96 -3.91
C LYS A 149 2.95 7.95 -3.38
N VAL A 151 3.77 5.17 0.12
CA VAL A 151 3.49 4.55 1.41
C VAL A 151 4.70 3.75 1.88
N ALA A 152 5.16 4.00 3.10
CA ALA A 152 6.38 3.36 3.61
C ALA A 152 6.19 2.79 5.02
N PHE A 153 6.88 1.69 5.30
CA PHE A 153 6.75 1.01 6.59
C PHE A 153 8.11 0.80 7.26
N ASP A 154 8.27 1.31 8.48
CA ASP A 154 9.46 1.06 9.28
C ASP A 154 9.29 1.57 10.70
N CYS B 22 0.26 -14.54 4.63
CA CYS B 22 0.20 -13.62 3.50
C CYS B 22 0.60 -12.20 3.89
N GLY B 23 1.35 -11.56 3.01
CA GLY B 23 1.87 -10.21 3.27
C GLY B 23 0.95 -9.08 2.85
N LEU B 24 1.55 -7.94 2.55
CA LEU B 24 0.80 -6.74 2.23
C LEU B 24 -0.15 -6.91 1.05
N VAL B 25 -1.39 -6.50 1.25
CA VAL B 25 -2.39 -6.45 0.18
C VAL B 25 -2.85 -5.01 -0.02
N ALA B 26 -2.75 -4.52 -1.25
CA ALA B 26 -3.19 -3.17 -1.57
C ALA B 26 -4.22 -3.23 -2.69
N SER B 27 -5.32 -2.51 -2.51
CA SER B 27 -6.38 -2.47 -3.51
C SER B 27 -6.83 -1.03 -3.79
N ASN B 28 -7.71 -0.89 -4.78
CA ASN B 28 -8.15 0.41 -5.27
C ASN B 28 -7.00 1.25 -5.83
N LEU B 29 -5.90 0.59 -6.18
CA LEU B 29 -4.87 1.24 -6.98
C LEU B 29 -5.51 1.56 -8.32
N ASN B 30 -5.39 2.79 -8.80
CA ASN B 30 -5.97 3.09 -10.11
C ASN B 30 -4.90 3.18 -11.16
N LEU B 31 -3.98 2.21 -11.15
CA LEU B 31 -2.84 2.22 -12.05
C LEU B 31 -3.26 1.99 -13.50
N LYS B 32 -3.21 3.06 -14.29
CA LYS B 32 -3.57 2.99 -15.69
C LYS B 32 -2.33 2.67 -16.54
N PRO B 33 -2.53 2.26 -17.81
CA PRO B 33 -1.41 2.01 -18.71
C PRO B 33 -0.41 3.16 -18.76
N GLY B 34 0.87 2.85 -18.65
CA GLY B 34 1.91 3.86 -18.69
C GLY B 34 2.37 4.27 -17.30
N GLU B 35 1.41 4.36 -16.37
CA GLU B 35 1.72 4.72 -15.00
C GLU B 35 2.64 3.68 -14.37
N LEU B 37 4.30 1.61 -11.07
CA LEU B 37 4.22 1.14 -9.69
C LEU B 37 5.60 0.76 -9.16
N ARG B 38 6.08 1.50 -8.16
CA ARG B 38 7.38 1.23 -7.56
C ARG B 38 7.21 0.49 -6.23
N VAL B 39 7.90 -0.63 -6.10
CA VAL B 39 7.85 -1.43 -4.87
C VAL B 39 9.26 -1.75 -4.37
N ARG B 40 9.54 -1.40 -3.13
CA ARG B 40 10.80 -1.77 -2.49
C ARG B 40 10.52 -2.68 -1.30
N GLY B 41 11.25 -3.79 -1.23
CA GLY B 41 11.04 -4.74 -0.15
C GLY B 41 12.29 -5.50 0.25
N GLU B 42 12.16 -6.29 1.30
CA GLU B 42 13.30 -7.02 1.84
C GLU B 42 13.16 -8.53 1.61
N VAL B 43 14.15 -9.10 0.93
CA VAL B 43 14.18 -10.54 0.71
C VAL B 43 14.75 -11.22 1.95
N ALA B 44 14.02 -12.19 2.48
CA ALA B 44 14.45 -12.90 3.68
C ALA B 44 15.77 -13.64 3.46
N PRO B 45 16.57 -13.82 4.53
CA PRO B 45 17.85 -14.53 4.41
C PRO B 45 17.67 -16.00 4.04
N ASP B 46 16.55 -16.59 4.44
CA ASP B 46 16.28 -17.99 4.17
C ASP B 46 15.31 -18.15 3.01
N ALA B 47 15.26 -17.16 2.13
CA ALA B 47 14.25 -17.09 1.08
C ALA B 47 14.29 -18.27 0.11
N LYS B 48 13.18 -18.99 0.04
CA LYS B 48 13.00 -20.04 -0.96
C LYS B 48 12.37 -19.45 -2.20
N SER B 49 11.42 -18.53 -1.99
CA SER B 49 10.79 -17.79 -3.07
C SER B 49 10.01 -16.61 -2.51
N PHE B 50 9.60 -15.70 -3.39
CA PHE B 50 8.66 -14.66 -2.98
C PHE B 50 7.76 -14.27 -4.15
N VAL B 51 6.65 -13.62 -3.85
CA VAL B 51 5.61 -13.39 -4.85
C VAL B 51 5.10 -11.95 -4.87
N LEU B 52 5.01 -11.39 -6.08
CA LEU B 52 4.33 -10.12 -6.28
C LEU B 52 3.16 -10.33 -7.24
N ASN B 53 1.94 -10.16 -6.74
CA ASN B 53 0.74 -10.38 -7.54
C ASN B 53 0.06 -9.08 -7.95
N LEU B 54 -0.27 -8.96 -9.23
CA LEU B 54 -0.90 -7.75 -9.75
C LEU B 54 -2.12 -8.06 -10.61
N GLY B 55 -3.18 -7.28 -10.45
CA GLY B 55 -4.35 -7.44 -11.28
C GLY B 55 -5.58 -6.70 -10.80
N LYS B 56 -6.73 -7.34 -10.97
CA LYS B 56 -8.04 -6.79 -10.62
C LYS B 56 -8.38 -7.16 -9.18
N ASP B 57 -8.17 -8.43 -8.86
CA ASP B 57 -8.35 -8.96 -7.51
C ASP B 57 -7.52 -10.23 -7.38
N SER B 58 -7.74 -11.00 -6.31
CA SER B 58 -6.92 -12.18 -6.05
C SER B 58 -7.18 -13.32 -7.04
N ASN B 59 -8.30 -13.26 -7.75
CA ASN B 59 -8.64 -14.31 -8.71
C ASN B 59 -8.38 -13.90 -10.16
N ASN B 60 -8.09 -12.61 -10.35
CA ASN B 60 -7.79 -12.10 -11.68
C ASN B 60 -6.46 -11.36 -11.69
N LEU B 61 -5.38 -12.10 -11.92
CA LEU B 61 -4.04 -11.56 -11.90
C LEU B 61 -3.45 -11.48 -13.30
N LEU B 63 -0.49 -10.36 -13.67
CA LEU B 63 0.90 -10.74 -13.42
C LEU B 63 1.09 -11.41 -12.06
N HIS B 64 1.57 -12.65 -12.12
CA HIS B 64 2.04 -13.36 -10.95
C HIS B 64 3.56 -13.47 -11.05
N PHE B 65 4.26 -12.60 -10.32
CA PHE B 65 5.71 -12.50 -10.44
C PHE B 65 6.40 -13.23 -9.31
N ASN B 66 6.96 -14.40 -9.62
CA ASN B 66 7.44 -15.32 -8.57
C ASN B 66 8.88 -15.79 -8.78
N PRO B 67 9.85 -15.02 -8.27
CA PRO B 67 11.25 -15.45 -8.23
C PRO B 67 11.44 -16.63 -7.28
N ARG B 68 11.95 -17.74 -7.79
CA ARG B 68 12.17 -18.92 -6.98
C ARG B 68 13.65 -19.22 -6.83
N PHE B 69 14.18 -19.02 -5.62
CA PHE B 69 15.56 -19.35 -5.32
C PHE B 69 15.72 -20.86 -5.31
N ASN B 70 14.84 -21.52 -4.57
CA ASN B 70 14.75 -22.98 -4.60
C ASN B 70 13.37 -23.41 -4.10
N ALA B 71 12.41 -23.49 -5.03
CA ALA B 71 11.04 -23.84 -4.68
C ALA B 71 10.31 -24.46 -5.87
N HIS B 72 9.46 -25.43 -5.56
CA HIS B 72 8.60 -26.09 -6.56
C HIS B 72 9.37 -26.65 -7.74
N GLY B 73 10.56 -27.20 -7.47
CA GLY B 73 11.37 -27.81 -8.50
C GLY B 73 12.24 -26.85 -9.27
N ASP B 74 12.04 -25.55 -9.03
CA ASP B 74 12.82 -24.51 -9.69
C ASP B 74 13.93 -23.97 -8.80
N ALA B 75 15.10 -23.74 -9.39
CA ALA B 75 16.22 -23.15 -8.68
C ALA B 75 16.74 -21.92 -9.43
N ASN B 76 16.82 -20.80 -8.73
CA ASN B 76 17.26 -19.53 -9.32
C ASN B 76 16.55 -19.22 -10.63
N THR B 77 15.22 -19.26 -10.59
CA THR B 77 14.41 -19.03 -11.78
C THR B 77 13.21 -18.16 -11.45
N ILE B 78 12.93 -17.17 -12.31
CA ILE B 78 11.71 -16.39 -12.18
C ILE B 78 10.58 -17.06 -12.93
N VAL B 79 9.48 -17.33 -12.22
CA VAL B 79 8.29 -17.88 -12.84
C VAL B 79 7.18 -16.84 -12.89
N ASN B 81 3.23 -15.94 -14.31
CA ASN B 81 1.99 -16.52 -14.79
C ASN B 81 0.83 -15.53 -14.62
N SER B 82 -0.31 -15.89 -15.18
CA SER B 82 -1.53 -15.13 -14.98
C SER B 82 -2.55 -16.01 -14.27
N LYS B 83 -3.55 -15.38 -13.67
CA LYS B 83 -4.69 -16.11 -13.14
C LYS B 83 -5.96 -15.44 -13.63
N ASP B 84 -6.78 -16.20 -14.34
CA ASP B 84 -7.97 -15.65 -14.98
C ASP B 84 -9.23 -16.34 -14.48
N GLY B 85 -10.04 -15.61 -13.72
CA GLY B 85 -11.25 -16.17 -13.15
C GLY B 85 -10.95 -17.33 -12.23
N GLY B 86 -9.85 -17.22 -11.50
CA GLY B 86 -9.45 -18.24 -10.54
C GLY B 86 -8.57 -19.33 -11.13
N ALA B 87 -8.41 -19.32 -12.46
CA ALA B 87 -7.64 -20.35 -13.13
C ALA B 87 -6.26 -19.88 -13.56
N TRP B 88 -5.23 -20.59 -13.11
CA TRP B 88 -3.85 -20.29 -13.52
C TRP B 88 -3.67 -20.47 -15.02
N GLY B 89 -2.83 -19.63 -15.61
CA GLY B 89 -2.49 -19.75 -17.02
C GLY B 89 -1.22 -20.56 -17.20
N THR B 90 -0.57 -20.40 -18.34
CA THR B 90 0.67 -21.10 -18.63
C THR B 90 1.88 -20.35 -18.10
N GLU B 91 2.72 -21.06 -17.35
CA GLU B 91 3.91 -20.46 -16.76
C GLU B 91 4.91 -20.03 -17.81
N GLN B 92 5.57 -18.90 -17.55
CA GLN B 92 6.66 -18.43 -18.39
C GLN B 92 7.93 -18.30 -17.56
N ARG B 93 9.03 -18.84 -18.06
CA ARG B 93 10.29 -18.82 -17.34
C ARG B 93 11.37 -18.04 -18.06
N GLU B 94 12.26 -17.42 -17.30
CA GLU B 94 13.34 -16.61 -17.83
C GLU B 94 14.69 -17.20 -17.44
N ALA B 95 15.75 -16.81 -18.14
CA ALA B 95 17.09 -17.30 -17.83
C ALA B 95 17.70 -16.57 -16.65
N VAL B 96 17.82 -15.26 -16.76
CA VAL B 96 18.52 -14.44 -15.76
C VAL B 96 17.78 -14.41 -14.42
N PHE B 97 18.55 -14.31 -13.33
CA PHE B 97 18.00 -14.29 -11.99
C PHE B 97 18.74 -13.27 -11.13
N PRO B 98 18.37 -11.98 -11.25
CA PRO B 98 19.05 -10.87 -10.58
C PRO B 98 18.58 -10.64 -9.15
N PHE B 99 18.20 -11.70 -8.45
CA PHE B 99 17.77 -11.59 -7.06
C PHE B 99 18.68 -12.40 -6.14
N GLN B 100 18.88 -11.91 -4.92
CA GLN B 100 19.66 -12.62 -3.92
C GLN B 100 18.97 -12.55 -2.55
N PRO B 101 19.07 -13.64 -1.77
CA PRO B 101 18.45 -13.71 -0.44
C PRO B 101 19.10 -12.74 0.54
N GLY B 102 18.36 -12.36 1.58
CA GLY B 102 18.88 -11.47 2.60
C GLY B 102 19.30 -10.12 2.06
N SER B 103 18.54 -9.61 1.10
CA SER B 103 18.87 -8.33 0.47
C SER B 103 17.63 -7.50 0.17
N VAL B 104 17.85 -6.30 -0.36
CA VAL B 104 16.77 -5.40 -0.73
C VAL B 104 16.48 -5.49 -2.23
N ALA B 105 15.20 -5.63 -2.56
CA ALA B 105 14.79 -5.76 -3.95
C ALA B 105 13.82 -4.65 -4.34
N GLU B 106 14.13 -3.94 -5.42
CA GLU B 106 13.27 -2.89 -5.93
C GLU B 106 12.80 -3.24 -7.33
N VAL B 107 11.50 -3.11 -7.56
CA VAL B 107 10.95 -3.32 -8.90
C VAL B 107 10.05 -2.15 -9.30
N ILE B 109 7.02 -1.45 -12.03
CA ILE B 109 6.09 -2.23 -12.84
C ILE B 109 5.15 -1.35 -13.63
N THR B 110 4.96 -1.68 -14.89
CA THR B 110 4.05 -0.95 -15.76
C THR B 110 3.44 -1.90 -16.78
N PHE B 111 2.43 -1.43 -17.51
CA PHE B 111 1.82 -2.26 -18.54
C PHE B 111 1.21 -1.43 -19.67
N ASP B 112 1.12 -2.03 -20.84
CA ASP B 112 0.33 -1.47 -21.93
C ASP B 112 -0.56 -2.57 -22.49
N GLN B 113 -1.12 -2.33 -23.68
CA GLN B 113 -2.04 -3.29 -24.29
C GLN B 113 -1.39 -4.64 -24.58
N ALA B 114 -0.07 -4.65 -24.76
CA ALA B 114 0.63 -5.85 -25.19
C ALA B 114 1.29 -6.61 -24.03
N ASN B 115 2.05 -5.90 -23.20
CA ASN B 115 2.83 -6.56 -22.16
C ASN B 115 2.78 -5.88 -20.80
N LEU B 116 3.08 -6.66 -19.76
CA LEU B 116 3.48 -6.09 -18.48
C LEU B 116 4.99 -6.07 -18.43
N THR B 117 5.55 -4.99 -17.89
CA THR B 117 7.00 -4.86 -17.81
C THR B 117 7.45 -4.69 -16.37
N VAL B 118 8.37 -5.55 -15.94
CA VAL B 118 8.99 -5.42 -14.64
C VAL B 118 10.42 -4.97 -14.79
N LYS B 119 10.71 -3.75 -14.34
CA LYS B 119 12.06 -3.20 -14.44
C LYS B 119 12.79 -3.28 -13.12
N LEU B 120 14.06 -3.65 -13.18
CA LEU B 120 14.95 -3.56 -12.03
C LEU B 120 15.86 -2.36 -12.21
N PRO B 121 16.29 -1.75 -11.09
CA PRO B 121 17.16 -0.57 -11.13
C PRO B 121 18.38 -0.72 -12.04
N ASP B 122 19.06 -1.86 -11.95
CA ASP B 122 20.29 -2.10 -12.74
C ASP B 122 20.08 -2.14 -14.25
N GLY B 123 18.83 -2.24 -14.68
CA GLY B 123 18.54 -2.26 -16.10
C GLY B 123 17.84 -3.52 -16.58
N TYR B 124 17.71 -4.50 -15.69
CA TYR B 124 16.98 -5.72 -16.02
C TYR B 124 15.53 -5.40 -16.33
N GLU B 125 14.97 -6.11 -17.30
CA GLU B 125 13.64 -5.79 -17.79
C GLU B 125 12.93 -7.06 -18.27
N PHE B 126 11.87 -7.45 -17.56
CA PHE B 126 11.13 -8.65 -17.92
C PHE B 126 9.76 -8.30 -18.49
N LYS B 127 9.44 -8.89 -19.64
CA LYS B 127 8.15 -8.68 -20.27
C LYS B 127 7.27 -9.92 -20.10
N PHE B 128 6.02 -9.70 -19.70
CA PHE B 128 5.05 -10.78 -19.63
C PHE B 128 3.81 -10.35 -20.40
N PRO B 129 3.32 -11.22 -21.30
CA PRO B 129 2.18 -10.91 -22.16
C PRO B 129 0.92 -10.54 -21.38
N ASN B 130 0.25 -9.47 -21.80
CA ASN B 130 -0.99 -9.03 -21.19
C ASN B 130 -2.15 -9.93 -21.61
N ARG B 131 -2.50 -10.89 -20.77
CA ARG B 131 -3.49 -11.90 -21.12
C ARG B 131 -4.91 -11.53 -20.70
N LEU B 132 -5.03 -10.56 -19.79
CA LEU B 132 -6.33 -10.24 -19.22
C LEU B 132 -6.94 -8.97 -19.84
N ASN B 133 -6.07 -8.06 -20.27
CA ASN B 133 -6.50 -6.82 -20.91
C ASN B 133 -7.49 -6.02 -20.06
N LEU B 134 -7.08 -5.68 -18.85
CA LEU B 134 -7.92 -4.90 -17.95
C LEU B 134 -7.63 -3.41 -18.11
N GLU B 135 -8.58 -2.57 -17.75
CA GLU B 135 -8.41 -1.12 -17.86
C GLU B 135 -7.28 -0.65 -16.95
N ALA B 136 -7.18 -1.26 -15.77
CA ALA B 136 -6.20 -0.84 -14.79
C ALA B 136 -5.69 -1.99 -13.93
N ILE B 137 -4.60 -1.74 -13.22
CA ILE B 137 -4.15 -2.62 -12.16
C ILE B 137 -4.70 -2.09 -10.84
N ASN B 138 -5.64 -2.82 -10.26
CA ASN B 138 -6.31 -2.37 -9.04
C ASN B 138 -5.82 -3.07 -7.79
N TYR B 139 -5.09 -4.16 -7.98
CA TYR B 139 -4.77 -5.06 -6.88
C TYR B 139 -3.30 -5.41 -6.85
N MET B 140 -2.68 -5.29 -5.68
CA MET B 140 -1.32 -5.78 -5.48
C MET B 140 -1.23 -6.57 -4.19
N ALA B 141 -0.57 -7.73 -4.25
CA ALA B 141 -0.37 -8.54 -3.07
C ALA B 141 1.04 -9.11 -3.04
N ALA B 142 1.68 -8.99 -1.89
CA ALA B 142 3.00 -9.59 -1.70
C ALA B 142 2.86 -10.88 -0.95
N ASP B 143 3.75 -11.83 -1.22
CA ASP B 143 3.69 -13.13 -0.58
C ASP B 143 5.06 -13.77 -0.54
N GLY B 144 5.20 -14.81 0.29
CA GLY B 144 6.47 -15.49 0.43
C GLY B 144 7.44 -14.72 1.30
N ASP B 145 8.72 -14.89 1.03
CA ASP B 145 9.77 -14.32 1.86
C ASP B 145 10.16 -12.91 1.41
N PHE B 146 9.19 -12.01 1.42
CA PHE B 146 9.39 -10.65 0.91
C PHE B 146 8.62 -9.63 1.73
N LYS B 147 9.34 -8.86 2.53
CA LYS B 147 8.74 -7.82 3.36
C LYS B 147 8.74 -6.48 2.63
N ILE B 148 7.56 -6.04 2.22
CA ILE B 148 7.44 -4.76 1.50
C ILE B 148 7.70 -3.59 2.44
N LYS B 149 8.59 -2.70 2.02
CA LYS B 149 8.97 -1.56 2.84
C LYS B 149 8.42 -0.24 2.28
N VAL B 151 5.96 1.55 -1.15
CA VAL B 151 5.20 1.50 -2.39
C VAL B 151 4.95 2.91 -2.90
N ALA B 152 5.22 3.15 -4.18
CA ALA B 152 5.04 4.48 -4.75
C ALA B 152 4.34 4.42 -6.11
N PHE B 153 3.44 5.37 -6.34
CA PHE B 153 2.69 5.46 -7.60
C PHE B 153 3.06 6.74 -8.34
N ASP B 154 3.81 6.60 -9.44
CA ASP B 154 4.25 7.75 -10.21
C ASP B 154 4.66 7.35 -11.62
#